data_2HBW
#
_entry.id   2HBW
#
_cell.length_a   76.480
_cell.length_b   86.891
_cell.length_c   37.288
_cell.angle_alpha   90.000
_cell.angle_beta   90.000
_cell.angle_gamma   90.000
#
_symmetry.space_group_name_H-M   'P 21 21 2'
#
loop_
_entity.id
_entity.type
_entity.pdbx_description
1 polymer 'NLP/P60 protein'
2 non-polymer 'ACETATE ION'
3 non-polymer 'UNKNOWN LIGAND'
4 water water
#
_entity_poly.entity_id   1
_entity_poly.type   'polypeptide(L)'
_entity_poly.pdbx_seq_one_letter_code
;G(MSE)LSNLESSIQSPKSGEYQCLAALNLYDSPECTSLATQAAVGRHLQVTSNQQGAAVEVCLCEDDYPGWLSLGDLGL
LKPATVLYQAKSFSESEIKKLLPGAIAFTQKA(MSE)QQSNYYLWGGTVGPNYDCSGL(MSE)QAAFVSVGIWLPRDAYQ
QEAFTQAITIDELAPGDLVFFGTPVKATHVGLYLGDGCYIHSSGKAQGRDGIGIDILSEQGDVVSRSYYQQLRGAGRVVK
SYKPQRH
;
_entity_poly.pdbx_strand_id   A
#
loop_
_chem_comp.id
_chem_comp.type
_chem_comp.name
_chem_comp.formula
ACT non-polymer 'ACETATE ION' 'C2 H3 O2 -1'
UNL non-polymer 'UNKNOWN LIGAND' ?
#
# COMPACT_ATOMS: atom_id res chain seq x y z
C SER A 15 -15.87 10.42 -17.88
N GLY A 16 -14.82 9.70 -17.53
CA GLY A 16 -13.61 9.70 -18.35
C GLY A 16 -12.39 9.54 -17.48
N GLU A 17 -11.24 9.47 -18.14
CA GLU A 17 -9.93 9.36 -17.46
C GLU A 17 -9.22 10.68 -17.38
N TYR A 18 -8.65 10.93 -16.21
CA TYR A 18 -8.00 12.18 -15.92
C TYR A 18 -6.65 11.94 -15.25
N GLN A 19 -5.73 12.90 -15.34
CA GLN A 19 -4.51 12.95 -14.59
C GLN A 19 -4.63 13.94 -13.44
N CYS A 20 -4.09 13.54 -12.28
CA CYS A 20 -4.17 14.36 -11.11
C CYS A 20 -3.11 15.44 -11.16
N LEU A 21 -3.55 16.69 -11.03
CA LEU A 21 -2.65 17.86 -11.03
C LEU A 21 -2.07 18.18 -9.66
N ALA A 22 -2.64 17.63 -8.61
CA ALA A 22 -2.20 17.77 -7.22
C ALA A 22 -2.52 16.43 -6.55
N ALA A 23 -1.93 16.19 -5.40
CA ALA A 23 -2.24 15.01 -4.62
C ALA A 23 -3.69 15.12 -4.12
N LEU A 24 -4.47 14.07 -4.28
CA LEU A 24 -5.87 14.05 -3.95
C LEU A 24 -6.20 13.03 -2.88
N ASN A 25 -7.10 13.41 -1.98
CA ASN A 25 -7.66 12.50 -1.01
C ASN A 25 -8.88 11.80 -1.57
N LEU A 26 -8.95 10.48 -1.44
N LEU A 26 -8.92 10.48 -1.44
CA LEU A 26 -10.12 9.71 -1.73
CA LEU A 26 -10.13 9.72 -1.75
C LEU A 26 -10.67 9.11 -0.46
C LEU A 26 -10.67 9.06 -0.48
N TYR A 27 -11.98 9.19 -0.26
CA TYR A 27 -12.64 8.75 0.94
C TYR A 27 -13.41 7.49 0.76
N ASP A 28 -13.73 6.79 1.86
CA ASP A 28 -14.43 5.50 1.76
C ASP A 28 -15.93 5.66 1.69
N SER A 29 -16.47 6.88 1.69
CA SER A 29 -17.92 7.11 1.60
C SER A 29 -18.10 8.53 1.10
N PRO A 30 -19.32 8.82 0.61
CA PRO A 30 -19.59 10.17 0.14
C PRO A 30 -19.45 11.25 1.18
N GLU A 31 -19.60 10.87 2.44
CA GLU A 31 -19.45 11.81 3.54
C GLU A 31 -18.05 12.33 3.76
N CYS A 32 -17.07 11.64 3.18
CA CYS A 32 -15.69 12.09 3.24
C CYS A 32 -15.18 12.29 4.66
N THR A 33 -15.49 11.32 5.52
CA THR A 33 -15.00 11.37 6.89
C THR A 33 -13.89 10.39 7.22
N SER A 34 -13.61 9.44 6.33
N SER A 34 -13.67 9.37 6.37
CA SER A 34 -12.58 8.46 6.53
CA SER A 34 -12.66 8.31 6.57
C SER A 34 -11.85 8.30 5.20
C SER A 34 -11.84 8.10 5.27
N LEU A 35 -10.55 8.45 5.27
CA LEU A 35 -9.71 8.37 4.10
C LEU A 35 -9.55 6.92 3.70
N ALA A 36 -9.63 6.70 2.39
CA ALA A 36 -9.44 5.40 1.78
C ALA A 36 -8.05 5.25 1.17
N THR A 37 -7.65 6.23 0.36
CA THR A 37 -6.33 6.25 -0.23
C THR A 37 -6.05 7.71 -0.58
N GLN A 38 -4.83 7.95 -1.09
CA GLN A 38 -4.46 9.27 -1.62
C GLN A 38 -3.79 9.05 -2.96
N ALA A 39 -4.12 9.90 -3.92
CA ALA A 39 -3.59 9.79 -5.28
C ALA A 39 -2.51 10.84 -5.48
N ALA A 40 -1.27 10.36 -5.70
CA ALA A 40 -0.15 11.22 -5.98
C ALA A 40 -0.33 11.98 -7.26
N VAL A 41 0.24 13.18 -7.32
N VAL A 41 0.43 13.08 -7.37
CA VAL A 41 0.31 13.96 -8.56
CA VAL A 41 0.44 13.91 -8.57
C VAL A 41 0.79 13.10 -9.74
C VAL A 41 0.78 13.01 -9.74
N GLY A 42 0.08 13.20 -10.85
CA GLY A 42 0.39 12.42 -12.03
C GLY A 42 -0.39 11.13 -12.20
N ARG A 43 -0.98 10.63 -11.14
CA ARG A 43 -1.77 9.40 -11.29
C ARG A 43 -2.99 9.64 -12.15
N HIS A 44 -3.48 8.54 -12.70
CA HIS A 44 -4.67 8.56 -13.51
C HIS A 44 -5.85 7.98 -12.76
N LEU A 45 -6.99 8.64 -12.90
CA LEU A 45 -8.20 8.16 -12.33
C LEU A 45 -9.37 8.30 -13.29
N GLN A 46 -10.37 7.49 -13.11
N GLN A 46 -10.35 7.42 -13.06
CA GLN A 46 -11.56 7.68 -13.82
CA GLN A 46 -11.63 7.41 -13.75
C GLN A 46 -12.66 8.16 -12.94
C GLN A 46 -12.63 8.19 -12.90
N VAL A 47 -13.33 9.17 -13.47
CA VAL A 47 -14.43 9.82 -12.77
C VAL A 47 -15.70 9.13 -13.26
N THR A 48 -16.51 8.60 -12.34
CA THR A 48 -17.80 7.98 -12.70
C THR A 48 -18.91 9.02 -12.68
N SER A 49 -20.08 8.62 -13.14
CA SER A 49 -21.30 9.44 -13.08
C SER A 49 -22.03 9.34 -11.70
N ASN A 50 -21.47 8.57 -10.76
CA ASN A 50 -22.11 8.34 -9.48
C ASN A 50 -21.77 9.43 -8.50
N GLN A 51 -22.58 10.46 -8.45
CA GLN A 51 -22.40 11.56 -7.49
C GLN A 51 -23.35 11.39 -6.36
N GLN A 52 -22.85 11.52 -5.13
CA GLN A 52 -23.66 11.33 -3.94
C GLN A 52 -23.26 12.45 -2.98
N GLY A 53 -24.23 13.17 -2.43
CA GLY A 53 -23.89 14.27 -1.55
C GLY A 53 -23.06 15.29 -2.29
N ALA A 54 -21.91 15.65 -1.70
CA ALA A 54 -20.97 16.59 -2.29
C ALA A 54 -19.70 15.90 -2.85
N ALA A 55 -19.85 14.65 -3.24
CA ALA A 55 -18.72 13.84 -3.71
C ALA A 55 -19.10 13.07 -4.97
N VAL A 56 -18.09 12.53 -5.64
CA VAL A 56 -18.29 11.73 -6.82
C VAL A 56 -17.38 10.49 -6.67
N GLU A 57 -17.91 9.35 -7.10
CA GLU A 57 -17.16 8.11 -7.04
C GLU A 57 -16.16 8.07 -8.19
N VAL A 58 -14.92 7.72 -7.85
CA VAL A 58 -13.85 7.63 -8.79
C VAL A 58 -13.16 6.27 -8.62
N CYS A 59 -12.32 5.93 -9.58
CA CYS A 59 -11.55 4.71 -9.48
C CYS A 59 -10.16 4.97 -10.00
N LEU A 60 -9.14 4.83 -9.15
N LEU A 60 -9.15 4.69 -9.20
CA LEU A 60 -7.76 5.02 -9.60
CA LEU A 60 -7.78 4.91 -9.68
C LEU A 60 -7.38 3.92 -10.61
C LEU A 60 -7.46 3.88 -10.69
N CYS A 61 -6.70 4.29 -11.68
CA CYS A 61 -6.45 3.39 -12.78
C CYS A 61 -5.38 2.31 -12.49
N GLU A 62 -4.37 2.68 -11.73
CA GLU A 62 -3.20 1.79 -11.62
C GLU A 62 -3.43 0.61 -10.69
N ASP A 63 -4.37 0.78 -9.78
CA ASP A 63 -4.71 -0.23 -8.78
C ASP A 63 -6.20 -0.58 -8.72
N ASP A 64 -6.96 -0.08 -9.69
N ASP A 64 -6.95 0.11 -9.58
CA ASP A 64 -8.41 -0.23 -9.63
CA ASP A 64 -8.36 -0.14 -9.66
C ASP A 64 -9.07 0.07 -8.27
C ASP A 64 -8.98 0.02 -8.28
N TYR A 65 -8.56 1.05 -7.56
CA TYR A 65 -9.03 1.29 -6.22
C TYR A 65 -10.10 2.37 -6.23
N PRO A 66 -11.28 2.05 -5.72
CA PRO A 66 -12.42 2.97 -5.75
C PRO A 66 -12.47 3.83 -4.53
N GLY A 67 -13.01 5.04 -4.68
CA GLY A 67 -13.25 5.90 -3.57
C GLY A 67 -14.01 7.13 -3.98
N TRP A 68 -14.16 8.04 -3.05
CA TRP A 68 -14.99 9.24 -3.20
C TRP A 68 -14.14 10.47 -3.18
N LEU A 69 -14.33 11.27 -4.20
CA LEU A 69 -13.63 12.51 -4.39
C LEU A 69 -14.56 13.67 -4.10
N SER A 70 -14.12 14.63 -3.32
CA SER A 70 -14.88 15.88 -3.15
C SER A 70 -15.12 16.52 -4.49
N LEU A 71 -16.35 17.00 -4.77
CA LEU A 71 -16.61 17.70 -5.99
C LEU A 71 -15.71 18.91 -6.16
N GLY A 72 -15.24 19.60 -5.13
N GLY A 72 -15.33 19.47 -5.04
CA GLY A 72 -14.32 20.73 -5.37
CA GLY A 72 -14.45 20.58 -4.98
C GLY A 72 -13.04 20.33 -6.06
C GLY A 72 -13.05 20.39 -5.54
N ASP A 73 -12.65 19.12 -5.81
CA ASP A 73 -11.35 18.72 -6.34
C ASP A 73 -11.38 18.42 -7.85
N LEU A 74 -12.53 18.53 -8.50
CA LEU A 74 -12.60 18.23 -9.93
C LEU A 74 -11.74 19.16 -10.71
N GLY A 75 -11.50 20.37 -10.23
CA GLY A 75 -10.65 21.30 -10.90
C GLY A 75 -9.17 20.99 -10.82
N LEU A 76 -8.82 19.94 -10.08
CA LEU A 76 -7.44 19.47 -9.95
C LEU A 76 -7.15 18.29 -10.87
N LEU A 77 -8.05 18.07 -11.83
CA LEU A 77 -7.93 17.02 -12.82
C LEU A 77 -7.75 17.58 -14.21
N LYS A 78 -6.87 16.96 -15.00
CA LYS A 78 -6.69 17.29 -16.41
C LYS A 78 -7.09 16.06 -17.23
N PRO A 79 -7.88 16.24 -18.29
CA PRO A 79 -8.30 15.10 -19.10
C PRO A 79 -7.05 14.37 -19.67
N ALA A 80 -7.15 13.05 -19.67
N ALA A 80 -6.86 13.05 -19.51
CA ALA A 80 -6.19 12.20 -20.33
CA ALA A 80 -5.51 12.36 -19.75
C ALA A 80 -6.61 11.96 -21.80
C ALA A 80 -4.98 12.42 -21.21
N THR A 81 -5.71 12.18 -22.70
N THR A 81 -3.62 12.47 -21.44
CA THR A 81 -5.87 11.68 -24.07
CA THR A 81 -3.16 12.58 -22.77
C THR A 81 -5.10 10.39 -24.28
C THR A 81 -3.08 11.22 -23.45
N VAL A 82 -4.06 10.11 -23.47
N VAL A 82 -3.13 10.17 -22.66
CA VAL A 82 -3.44 8.77 -23.52
CA VAL A 82 -3.18 8.80 -23.15
C VAL A 82 -3.78 8.04 -22.21
C VAL A 82 -3.82 8.02 -22.03
N LEU A 83 -4.51 6.94 -22.34
CA LEU A 83 -4.99 6.15 -21.21
C LEU A 83 -3.86 5.39 -20.56
N TYR A 84 -3.93 5.25 -19.24
CA TYR A 84 -2.95 4.47 -18.49
C TYR A 84 -2.95 3.04 -18.99
N GLN A 85 -1.77 2.48 -19.19
N GLN A 85 -1.75 2.54 -19.30
CA GLN A 85 -1.55 1.09 -19.44
CA GLN A 85 -1.43 1.15 -19.67
C GLN A 85 -0.43 0.70 -18.49
C GLN A 85 -0.31 0.59 -18.72
N ALA A 86 -0.59 -0.47 -17.96
CA ALA A 86 0.37 -0.97 -16.95
C ALA A 86 1.62 -1.53 -17.61
N LYS A 87 2.75 -1.27 -16.99
N LYS A 87 2.77 -1.23 -17.01
CA LYS A 87 4.02 -1.87 -17.44
CA LYS A 87 4.02 -1.87 -17.40
C LYS A 87 4.15 -3.30 -16.83
C LYS A 87 4.00 -3.33 -16.92
N SER A 88 4.80 -4.15 -17.57
CA SER A 88 5.10 -5.49 -17.09
C SER A 88 6.59 -5.63 -16.81
N PHE A 89 6.89 -6.50 -15.83
CA PHE A 89 8.25 -6.80 -15.44
C PHE A 89 8.35 -8.30 -15.24
N SER A 90 9.49 -8.85 -15.62
CA SER A 90 9.78 -10.26 -15.34
C SER A 90 10.15 -10.46 -13.87
N GLU A 91 10.12 -11.71 -13.42
CA GLU A 91 10.50 -12.00 -12.05
C GLU A 91 11.93 -11.53 -11.75
N SER A 92 12.84 -11.76 -12.68
N SER A 92 12.81 -11.81 -12.69
CA SER A 92 14.22 -11.36 -12.47
CA SER A 92 14.21 -11.37 -12.59
C SER A 92 14.41 -9.82 -12.47
C SER A 92 14.34 -9.86 -12.42
N GLU A 93 13.59 -9.12 -13.23
CA GLU A 93 13.63 -7.67 -13.22
C GLU A 93 13.18 -7.13 -11.86
N ILE A 94 12.11 -7.73 -11.36
CA ILE A 94 11.58 -7.33 -10.07
C ILE A 94 12.63 -7.53 -8.95
N LYS A 95 13.32 -8.69 -8.96
N LYS A 95 13.26 -8.71 -8.96
CA LYS A 95 14.31 -8.99 -7.95
CA LYS A 95 14.30 -9.01 -7.98
C LYS A 95 15.32 -7.86 -7.87
C LYS A 95 15.31 -7.88 -7.89
N LYS A 96 15.75 -7.33 -9.02
CA LYS A 96 16.71 -6.26 -9.02
C LYS A 96 16.21 -4.93 -8.46
N LEU A 97 14.89 -4.76 -8.43
CA LEU A 97 14.30 -3.54 -7.96
C LEU A 97 13.96 -3.55 -6.45
N LEU A 98 14.00 -4.73 -5.85
CA LEU A 98 13.63 -4.83 -4.43
C LEU A 98 14.48 -3.96 -3.54
N PRO A 99 15.81 -3.86 -3.77
CA PRO A 99 16.58 -3.00 -2.86
C PRO A 99 16.05 -1.55 -2.82
N GLY A 100 15.58 -1.02 -3.96
CA GLY A 100 15.09 0.30 -4.01
C GLY A 100 13.78 0.48 -3.23
N ALA A 101 12.91 -0.52 -3.27
CA ALA A 101 11.69 -0.52 -2.46
C ALA A 101 12.04 -0.48 -0.98
N ILE A 102 13.01 -1.30 -0.57
CA ILE A 102 13.46 -1.31 0.81
C ILE A 102 14.01 0.05 1.19
N ALA A 103 14.88 0.61 0.35
CA ALA A 103 15.48 1.89 0.64
C ALA A 103 14.42 2.98 0.84
N PHE A 104 13.36 2.93 0.03
CA PHE A 104 12.26 3.91 0.14
C PHE A 104 11.69 3.86 1.56
N THR A 105 11.40 2.65 2.05
CA THR A 105 10.85 2.54 3.37
C THR A 105 11.78 3.04 4.48
N GLN A 106 13.07 2.73 4.33
N GLN A 106 13.08 2.79 4.31
CA GLN A 106 14.05 3.18 5.31
CA GLN A 106 14.03 3.19 5.34
C GLN A 106 14.08 4.71 5.39
C GLN A 106 14.25 4.70 5.37
N LYS A 107 14.07 5.35 4.22
CA LYS A 107 14.11 6.80 4.19
C LYS A 107 12.83 7.37 4.77
N ALA A 108 11.68 6.74 4.46
CA ALA A 108 10.41 7.21 5.00
C ALA A 108 10.40 7.16 6.52
N MSE A 109 11.03 6.12 7.09
CA MSE A 109 11.11 5.95 8.54
C MSE A 109 11.83 7.12 9.20
O MSE A 109 11.58 7.40 10.38
CB MSE A 109 11.82 4.65 8.87
CG MSE A 109 11.94 4.31 10.33
SE MSE A 109 12.59 2.54 10.55
CE MSE A 109 12.86 2.80 12.44
N GLN A 110 12.76 7.75 8.47
CA GLN A 110 13.55 8.82 9.00
C GLN A 110 12.89 10.17 8.93
N GLN A 111 11.73 10.29 8.32
CA GLN A 111 10.98 11.55 8.30
C GLN A 111 9.92 11.51 9.38
N SER A 112 9.67 12.60 10.05
N SER A 112 9.57 12.64 9.94
CA SER A 112 8.59 12.60 11.04
CA SER A 112 8.48 12.67 10.93
C SER A 112 7.27 12.09 10.41
C SER A 112 7.24 12.04 10.32
N ASN A 113 6.63 11.13 11.06
CA ASN A 113 5.46 10.43 10.53
C ASN A 113 4.64 9.85 11.64
N TYR A 114 3.33 9.77 11.43
CA TYR A 114 2.45 9.04 12.30
C TYR A 114 1.59 8.11 11.46
N TYR A 115 0.85 7.24 12.11
CA TYR A 115 0.00 6.24 11.39
C TYR A 115 -1.28 6.93 10.96
N LEU A 116 -1.43 7.12 9.66
CA LEU A 116 -2.60 7.80 9.06
C LEU A 116 -3.38 6.77 8.29
N TRP A 117 -4.58 6.43 8.75
CA TRP A 117 -5.47 5.54 7.98
C TRP A 117 -5.71 6.14 6.61
N GLY A 118 -5.44 5.37 5.56
CA GLY A 118 -5.55 5.84 4.20
C GLY A 118 -4.32 6.61 3.68
N GLY A 119 -3.28 6.75 4.52
CA GLY A 119 -2.11 7.50 4.12
C GLY A 119 -1.29 6.77 3.08
N THR A 120 -1.04 7.45 1.97
CA THR A 120 -0.50 6.82 0.77
C THR A 120 0.61 7.64 0.10
N VAL A 121 0.54 8.97 0.16
CA VAL A 121 1.50 9.83 -0.52
C VAL A 121 2.71 10.16 0.32
N GLY A 122 2.61 10.09 1.63
CA GLY A 122 3.66 10.42 2.58
C GLY A 122 3.58 11.87 3.01
N PRO A 123 4.16 12.19 4.14
CA PRO A 123 5.01 11.31 4.96
C PRO A 123 4.28 10.36 5.89
N ASN A 124 2.96 10.53 6.07
CA ASN A 124 2.22 9.73 7.02
C ASN A 124 1.49 8.59 6.26
N TYR A 125 1.83 7.35 6.59
CA TYR A 125 1.33 6.18 5.89
C TYR A 125 0.48 5.31 6.78
N ASP A 126 -0.38 4.50 6.18
CA ASP A 126 -0.85 3.27 6.80
C ASP A 126 0.00 2.10 6.29
N CYS A 127 -0.25 0.92 6.81
CA CYS A 127 0.69 -0.15 6.56
C CYS A 127 0.77 -0.51 5.09
N SER A 128 -0.38 -0.66 4.45
CA SER A 128 -0.48 -1.05 3.04
C SER A 128 -0.14 0.10 2.12
N GLY A 129 -0.41 1.31 2.55
CA GLY A 129 -0.05 2.48 1.75
C GLY A 129 1.45 2.64 1.63
N LEU A 130 2.17 2.35 2.71
CA LEU A 130 3.63 2.38 2.68
C LEU A 130 4.13 1.37 1.64
N MSE A 131 3.57 0.16 1.66
CA MSE A 131 3.99 -0.87 0.70
C MSE A 131 3.74 -0.38 -0.72
O MSE A 131 4.61 -0.50 -1.60
CB MSE A 131 3.26 -2.18 0.92
CG MSE A 131 3.42 -2.85 2.26
SE MSE A 131 5.20 -3.33 2.76
CE MSE A 131 5.79 -1.70 3.59
N GLN A 132 2.55 0.14 -0.97
CA GLN A 132 2.23 0.56 -2.35
C GLN A 132 3.21 1.67 -2.77
N ALA A 133 3.45 2.65 -1.90
CA ALA A 133 4.32 3.76 -2.26
C ALA A 133 5.76 3.27 -2.50
N ALA A 134 6.22 2.35 -1.69
CA ALA A 134 7.61 1.86 -1.82
C ALA A 134 7.83 1.18 -3.17
N PHE A 135 6.88 0.32 -3.56
CA PHE A 135 7.01 -0.37 -4.82
C PHE A 135 6.81 0.56 -5.99
N VAL A 136 5.91 1.54 -5.90
CA VAL A 136 5.73 2.49 -6.98
C VAL A 136 7.01 3.26 -7.21
N SER A 137 7.81 3.49 -6.18
CA SER A 137 9.03 4.24 -6.33
C SER A 137 10.02 3.54 -7.26
N VAL A 138 9.92 2.23 -7.44
CA VAL A 138 10.71 1.48 -8.36
C VAL A 138 9.91 0.99 -9.57
N GLY A 139 8.71 1.56 -9.79
CA GLY A 139 7.91 1.27 -10.96
C GLY A 139 6.94 0.14 -10.88
N ILE A 140 6.75 -0.45 -9.71
N ILE A 140 6.93 -0.62 -9.79
CA ILE A 140 6.03 -1.68 -9.56
CA ILE A 140 6.00 -1.74 -9.63
C ILE A 140 4.74 -1.37 -8.82
C ILE A 140 4.75 -1.25 -8.92
N TRP A 141 3.60 -1.70 -9.41
CA TRP A 141 2.32 -1.51 -8.76
C TRP A 141 1.85 -2.75 -8.00
N LEU A 142 1.38 -2.45 -6.79
CA LEU A 142 0.64 -3.36 -5.95
C LEU A 142 -0.78 -2.84 -5.82
N PRO A 143 -1.74 -3.73 -5.51
CA PRO A 143 -3.05 -3.26 -5.05
C PRO A 143 -2.92 -2.49 -3.75
N ARG A 144 -3.95 -1.74 -3.38
CA ARG A 144 -3.88 -0.81 -2.26
C ARG A 144 -4.03 -1.44 -0.89
N ASP A 145 -4.92 -2.39 -0.71
CA ASP A 145 -5.18 -2.90 0.63
C ASP A 145 -4.41 -4.17 0.93
N ALA A 146 -4.15 -4.43 2.22
CA ALA A 146 -3.36 -5.58 2.58
C ALA A 146 -3.93 -6.89 2.08
N TYR A 147 -5.25 -7.08 2.18
CA TYR A 147 -5.82 -8.35 1.76
C TYR A 147 -5.67 -8.53 0.25
N GLN A 148 -5.70 -7.42 -0.50
CA GLN A 148 -5.51 -7.49 -1.92
C GLN A 148 -4.06 -7.78 -2.26
N GLN A 149 -3.15 -7.20 -1.50
CA GLN A 149 -1.72 -7.49 -1.70
C GLN A 149 -1.43 -8.96 -1.41
N GLU A 150 -2.09 -9.56 -0.42
N GLU A 150 -2.15 -9.53 -0.43
CA GLU A 150 -1.89 -10.99 -0.21
CA GLU A 150 -2.03 -10.97 -0.10
C GLU A 150 -2.45 -11.82 -1.34
C GLU A 150 -2.55 -11.88 -1.20
N ALA A 151 -3.64 -11.47 -1.84
CA ALA A 151 -4.23 -12.22 -2.94
C ALA A 151 -3.35 -12.13 -4.17
N PHE A 152 -2.80 -10.96 -4.40
N PHE A 152 -2.69 -10.99 -4.42
CA PHE A 152 -2.10 -10.71 -5.59
CA PHE A 152 -1.91 -10.69 -5.66
C PHE A 152 -0.75 -11.40 -5.63
C PHE A 152 -0.47 -11.19 -5.69
N THR A 153 0.05 -11.31 -4.52
CA THR A 153 1.40 -11.86 -4.46
C THR A 153 1.38 -13.38 -4.48
N GLN A 154 2.52 -13.98 -4.76
CA GLN A 154 2.68 -15.42 -4.74
C GLN A 154 2.88 -15.90 -3.31
N ALA A 155 1.96 -16.71 -2.81
CA ALA A 155 2.04 -17.15 -1.42
C ALA A 155 3.27 -18.04 -1.23
N ILE A 156 4.01 -17.76 -0.17
CA ILE A 156 5.16 -18.55 0.25
C ILE A 156 5.02 -18.87 1.73
N THR A 157 5.85 -19.79 2.23
CA THR A 157 5.89 -20.07 3.64
C THR A 157 6.73 -19.00 4.36
N ILE A 158 6.54 -18.92 5.69
CA ILE A 158 7.30 -17.98 6.50
C ILE A 158 8.80 -18.24 6.34
N ASP A 159 9.14 -19.53 6.30
N ASP A 159 9.24 -19.51 6.40
CA ASP A 159 10.54 -19.89 6.22
CA ASP A 159 10.69 -19.76 6.26
C ASP A 159 11.21 -19.49 4.91
C ASP A 159 11.27 -19.59 4.85
N GLU A 160 10.40 -19.33 3.88
CA GLU A 160 10.88 -18.93 2.57
C GLU A 160 11.08 -17.42 2.40
N LEU A 161 10.71 -16.64 3.41
CA LEU A 161 10.82 -15.19 3.29
C LEU A 161 12.23 -14.78 2.92
N ALA A 162 12.31 -13.83 2.04
CA ALA A 162 13.58 -13.21 1.59
C ALA A 162 13.39 -11.69 1.50
N PRO A 163 14.46 -10.92 1.57
CA PRO A 163 14.32 -9.47 1.59
C PRO A 163 13.48 -9.00 0.38
N GLY A 164 12.54 -8.13 0.68
CA GLY A 164 11.64 -7.59 -0.35
C GLY A 164 10.34 -8.32 -0.51
N ASP A 165 10.15 -9.43 0.17
CA ASP A 165 8.86 -10.10 0.26
C ASP A 165 7.97 -9.37 1.26
N LEU A 166 6.66 -9.58 1.11
CA LEU A 166 5.65 -9.01 2.00
C LEU A 166 5.30 -10.04 3.09
N VAL A 167 5.10 -9.52 4.30
N VAL A 167 5.11 -9.53 4.31
CA VAL A 167 4.68 -10.25 5.48
CA VAL A 167 4.67 -10.36 5.42
C VAL A 167 3.26 -9.80 5.79
C VAL A 167 3.31 -9.84 5.93
N PHE A 168 2.36 -10.77 5.98
CA PHE A 168 0.96 -10.49 6.24
C PHE A 168 0.53 -10.93 7.62
N PHE A 169 -0.37 -10.15 8.21
CA PHE A 169 -0.90 -10.36 9.55
C PHE A 169 -2.40 -10.09 9.50
N GLY A 170 -3.19 -10.75 10.33
CA GLY A 170 -4.60 -10.44 10.36
C GLY A 170 -5.39 -11.46 11.10
N THR A 171 -6.66 -11.56 10.69
CA THR A 171 -7.67 -12.37 11.32
C THR A 171 -7.74 -13.68 10.55
N PRO A 172 -8.58 -14.65 10.98
N PRO A 172 -8.60 -14.58 11.09
CA PRO A 172 -8.68 -15.80 9.99
CA PRO A 172 -9.04 -15.80 10.39
C PRO A 172 -9.28 -15.45 8.68
C PRO A 172 -9.68 -15.60 8.99
N VAL A 173 -10.04 -14.36 8.65
CA VAL A 173 -10.72 -13.99 7.43
C VAL A 173 -9.76 -13.38 6.46
N LYS A 174 -8.88 -12.51 6.89
CA LYS A 174 -8.15 -11.69 5.94
C LYS A 174 -6.97 -11.03 6.61
N ALA A 175 -6.01 -10.67 5.77
CA ALA A 175 -4.92 -9.79 6.21
C ALA A 175 -5.46 -8.40 6.50
N THR A 176 -5.06 -7.85 7.63
CA THR A 176 -5.34 -6.49 8.02
C THR A 176 -4.08 -5.68 8.20
N HIS A 177 -2.91 -6.27 8.04
CA HIS A 177 -1.67 -5.58 8.25
C HIS A 177 -0.63 -6.22 7.34
N VAL A 178 0.39 -5.46 6.97
CA VAL A 178 1.45 -5.91 6.06
C VAL A 178 2.73 -5.14 6.40
N GLY A 179 3.86 -5.83 6.20
CA GLY A 179 5.17 -5.21 6.28
C GLY A 179 6.10 -5.77 5.21
N LEU A 180 7.25 -5.15 5.10
CA LEU A 180 8.27 -5.50 4.08
C LEU A 180 9.41 -6.19 4.74
N TYR A 181 9.66 -7.44 4.36
CA TYR A 181 10.69 -8.25 5.00
C TYR A 181 12.08 -7.73 4.58
N LEU A 182 12.95 -7.69 5.60
CA LEU A 182 14.33 -7.19 5.46
C LEU A 182 15.38 -8.29 5.55
N GLY A 183 15.10 -9.37 6.19
CA GLY A 183 16.05 -10.42 6.49
C GLY A 183 16.18 -10.60 7.99
N ASP A 184 16.68 -11.78 8.37
CA ASP A 184 16.97 -12.09 9.79
C ASP A 184 15.74 -11.95 10.68
N GLY A 185 14.57 -12.26 10.13
CA GLY A 185 13.33 -12.14 10.86
C GLY A 185 12.77 -10.71 10.94
N CYS A 186 13.51 -9.73 10.48
CA CYS A 186 13.14 -8.34 10.63
C CYS A 186 12.28 -7.89 9.48
N TYR A 187 11.39 -6.94 9.76
CA TYR A 187 10.56 -6.33 8.74
C TYR A 187 10.30 -4.87 9.13
N ILE A 188 10.02 -4.07 8.12
CA ILE A 188 9.68 -2.68 8.29
C ILE A 188 8.20 -2.49 7.96
N HIS A 189 7.51 -1.66 8.74
CA HIS A 189 6.09 -1.44 8.56
C HIS A 189 5.69 -0.13 9.22
N SER A 190 4.56 0.41 8.76
CA SER A 190 3.87 1.44 9.56
C SER A 190 2.82 0.75 10.40
N SER A 191 2.73 1.10 11.68
CA SER A 191 1.80 0.47 12.57
C SER A 191 1.11 1.50 13.46
N GLY A 192 -0.10 1.12 13.89
CA GLY A 192 -0.98 2.04 14.65
C GLY A 192 -0.64 2.13 16.10
N LYS A 193 -1.53 2.79 16.78
CA LYS A 193 -1.34 3.26 18.14
C LYS A 193 -1.54 2.18 19.15
N ALA A 194 -2.63 1.40 18.96
N ALA A 194 -2.65 1.48 19.19
CA ALA A 194 -3.02 0.48 20.00
CA ALA A 194 -2.83 0.68 20.41
C ALA A 194 -1.98 -0.63 20.33
C ALA A 194 -1.65 -0.28 20.56
N GLN A 195 -1.44 -1.21 19.29
N GLN A 195 -1.43 -0.98 19.47
CA GLN A 195 -0.44 -2.27 19.41
CA GLN A 195 -0.55 -2.13 19.43
C GLN A 195 0.89 -1.92 18.80
C GLN A 195 0.87 -1.82 18.92
N GLY A 196 0.96 -0.82 18.04
CA GLY A 196 2.13 -0.52 17.29
C GLY A 196 2.86 0.76 17.72
N ARG A 197 3.53 1.35 16.76
CA ARG A 197 4.49 2.41 16.98
C ARG A 197 3.97 3.78 16.59
N ASP A 198 2.72 3.87 16.13
CA ASP A 198 2.17 5.10 15.54
C ASP A 198 3.10 5.66 14.48
N GLY A 199 3.44 4.81 13.52
CA GLY A 199 4.31 5.19 12.45
C GLY A 199 5.25 4.08 12.05
N ILE A 200 6.28 4.41 11.30
CA ILE A 200 7.16 3.43 10.67
C ILE A 200 8.23 2.96 11.62
N GLY A 201 8.48 1.66 11.67
CA GLY A 201 9.50 1.09 12.52
C GLY A 201 9.83 -0.36 12.11
N ILE A 202 10.74 -0.91 12.87
N ILE A 202 10.78 -0.95 12.80
CA ILE A 202 11.27 -2.24 12.65
CA ILE A 202 11.29 -2.29 12.51
C ILE A 202 10.75 -3.17 13.72
C ILE A 202 10.92 -3.23 13.64
N ASP A 203 10.30 -4.35 13.27
CA ASP A 203 9.94 -5.40 14.19
C ASP A 203 10.50 -6.74 13.72
N ILE A 204 10.42 -7.75 14.59
N ILE A 204 10.29 -7.75 14.57
CA ILE A 204 10.92 -9.08 14.29
CA ILE A 204 10.91 -9.08 14.43
C ILE A 204 9.82 -10.10 14.43
C ILE A 204 9.85 -10.16 14.52
N LEU A 205 9.87 -11.12 13.60
CA LEU A 205 8.94 -12.25 13.65
C LEU A 205 9.41 -13.27 14.69
N SER A 206 9.27 -12.91 15.95
CA SER A 206 9.69 -13.73 17.05
C SER A 206 8.96 -13.37 18.30
N GLU A 207 8.56 -14.37 19.07
N GLU A 207 8.67 -14.38 19.13
CA GLU A 207 8.02 -14.15 20.40
CA GLU A 207 8.22 -14.15 20.52
C GLU A 207 9.04 -13.61 21.41
C GLU A 207 9.37 -13.62 21.38
N GLN A 208 10.33 -13.72 21.05
N GLN A 208 10.58 -13.58 20.84
CA GLN A 208 11.46 -13.08 21.78
CA GLN A 208 11.63 -13.11 21.66
C GLN A 208 11.68 -11.59 21.55
C GLN A 208 11.90 -11.63 21.37
N GLY A 209 11.04 -11.02 20.53
CA GLY A 209 11.08 -9.59 20.30
C GLY A 209 10.47 -8.77 21.43
N ASP A 210 10.42 -7.46 21.28
N ASP A 210 10.55 -7.47 21.27
CA ASP A 210 9.77 -6.59 22.25
CA ASP A 210 9.96 -6.59 22.21
C ASP A 210 8.23 -6.67 22.19
C ASP A 210 8.44 -6.73 22.12
N VAL A 211 7.51 -5.87 22.97
N VAL A 211 7.76 -6.06 23.03
CA VAL A 211 6.09 -6.11 23.13
CA VAL A 211 6.27 -6.16 23.11
C VAL A 211 5.38 -5.86 21.80
C VAL A 211 5.52 -5.93 21.77
N VAL A 212 5.84 -4.85 21.05
CA VAL A 212 5.23 -4.56 19.75
C VAL A 212 5.43 -5.76 18.81
N SER A 213 6.68 -6.24 18.72
CA SER A 213 6.96 -7.38 17.88
C SER A 213 6.10 -8.56 18.28
N ARG A 214 5.98 -8.83 19.58
CA ARG A 214 5.16 -9.95 20.02
C ARG A 214 3.70 -9.78 19.62
N SER A 215 3.16 -8.56 19.79
N SER A 215 3.17 -8.57 19.75
N SER A 215 3.18 -8.57 19.76
CA SER A 215 1.77 -8.31 19.45
CA SER A 215 1.77 -8.32 19.46
CA SER A 215 1.80 -8.33 19.44
C SER A 215 1.49 -8.68 17.98
C SER A 215 1.45 -8.55 17.99
C SER A 215 1.50 -8.66 17.98
N TYR A 216 2.35 -8.19 17.08
CA TYR A 216 2.16 -8.49 15.65
C TYR A 216 2.46 -9.95 15.34
N TYR A 217 3.42 -10.54 16.00
CA TYR A 217 3.76 -11.94 15.74
C TYR A 217 2.58 -12.85 16.03
N GLN A 218 1.80 -12.52 17.06
CA GLN A 218 0.64 -13.32 17.38
C GLN A 218 -0.35 -13.32 16.20
N GLN A 219 -0.39 -12.29 15.39
CA GLN A 219 -1.32 -12.12 14.31
C GLN A 219 -0.73 -12.54 12.92
N LEU A 220 0.46 -13.11 12.89
CA LEU A 220 1.07 -13.49 11.66
C LEU A 220 0.18 -14.44 10.87
N ARG A 221 0.12 -14.22 9.58
N ARG A 221 -0.01 -14.15 9.59
CA ARG A 221 -0.85 -14.90 8.79
CA ARG A 221 -0.87 -14.94 8.69
C ARG A 221 -0.27 -15.52 7.50
C ARG A 221 -0.15 -15.62 7.56
N GLY A 222 0.80 -14.95 6.96
CA GLY A 222 1.36 -15.50 5.72
C GLY A 222 2.44 -14.58 5.20
N ALA A 223 2.85 -14.86 3.98
CA ALA A 223 4.00 -14.23 3.32
C ALA A 223 3.74 -14.30 1.81
N GLY A 224 4.19 -13.28 1.09
CA GLY A 224 4.02 -13.25 -0.34
C GLY A 224 5.22 -12.68 -1.05
N ARG A 225 5.50 -13.23 -2.22
CA ARG A 225 6.56 -12.74 -3.09
C ARG A 225 5.93 -11.96 -4.25
N VAL A 226 6.54 -10.82 -4.55
CA VAL A 226 6.11 -9.99 -5.70
C VAL A 226 6.73 -10.60 -6.97
N VAL A 227 5.87 -11.17 -7.81
CA VAL A 227 6.31 -11.86 -9.00
C VAL A 227 5.87 -11.21 -10.26
N LYS A 228 5.04 -10.17 -10.17
CA LYS A 228 4.59 -9.38 -11.32
C LYS A 228 4.11 -8.05 -10.76
N SER A 229 4.03 -7.04 -11.65
CA SER A 229 3.46 -5.76 -11.33
C SER A 229 1.98 -5.81 -11.66
N TYR A 230 1.16 -5.19 -10.81
CA TYR A 230 -0.28 -5.28 -10.92
C TYR A 230 -0.76 -4.67 -12.22
N LYS A 231 -1.64 -5.41 -12.89
CA LYS A 231 -2.28 -4.97 -14.12
C LYS A 231 -3.76 -5.27 -14.01
N PRO A 232 -4.51 -4.35 -13.43
CA PRO A 232 -5.92 -4.63 -13.26
C PRO A 232 -6.70 -4.52 -14.52
N GLN A 233 -7.92 -4.93 -14.39
CA GLN A 233 -8.83 -4.88 -15.51
C GLN A 233 -9.34 -3.48 -15.79
N ARG A 234 -9.39 -3.13 -17.06
CA ARG A 234 -10.05 -1.90 -17.48
C ARG A 234 -11.56 -2.13 -17.37
N HIS A 235 -12.30 -1.39 -16.56
CA HIS A 235 -13.73 -1.56 -16.45
C HIS A 235 -14.46 -1.03 -17.66
C ACT B . -1.93 -15.44 -2.80
O ACT B . -0.91 -15.08 -2.25
OXT ACT B . -1.89 -15.29 -4.06
CH3 ACT B . -3.07 -15.75 -1.91
C ACT C . -2.27 -1.32 12.10
O ACT C . -2.50 -2.12 11.08
OXT ACT C . -1.17 -1.28 12.63
CH3 ACT C . -3.34 -0.44 12.60
O1 UNL D . -4.55 -0.44 6.52
O2 UNL D . -5.66 -1.08 5.91
O3 UNL D . -5.13 -2.38 5.31
O4 UNL D . -6.13 -3.34 5.51
O5 UNL D . -4.86 -2.35 4.02
O6 UNL D . -5.92 0.13 5.01
O7 UNL D . -6.93 0.35 4.13
O8 UNL D . -7.77 -0.52 4.02
O9 UNL D . -6.90 1.69 3.40
O10 UNL D . -7.67 2.74 4.16
O11 UNL D . -7.78 1.59 2.33
#